data_4KLW
#
_entry.id   4KLW
#
_cell.length_a   56.962
_cell.length_b   75.957
_cell.length_c   39.160
_cell.angle_alpha   90.00
_cell.angle_beta   90.00
_cell.angle_gamma   90.00
#
_symmetry.space_group_name_H-M   'P 21 21 2'
#
loop_
_entity.id
_entity.type
_entity.pdbx_description
1 polymer 'Uncharacterized protein'
2 non-polymer '2-carbamoylbenzoic acid'
3 non-polymer 'SULFATE ION'
4 non-polymer 1,2-ETHANEDIOL
5 water water
#
_entity_poly.entity_id   1
_entity_poly.type   'polypeptide(L)'
_entity_poly.pdbx_seq_one_letter_code
;GHMQLSHRPAETGDLETVAGFPQDRDELFYCYPKAIWPFSVAQLAAAIAERRGSTVAVHDGQVLGFANFYQWQHGDFCAL
GNMMVAPAARGLGVARYLIGVMENLAREQYKARLMKISCFNANAAGLLLYTQLGYQPRAIAERHDPDGRRVALIQMDKPL
EP
;
_entity_poly.pdbx_strand_id   A
#
# COMPACT_ATOMS: atom_id res chain seq x y z
N MET A 3 10.27 17.66 -4.94
N MET A 3 10.41 17.78 -4.81
CA MET A 3 9.15 16.69 -5.02
CA MET A 3 9.25 16.86 -4.93
C MET A 3 7.78 17.40 -5.07
C MET A 3 7.90 17.61 -5.03
N GLN A 4 7.12 17.36 -6.24
N GLN A 4 7.11 17.27 -6.05
CA GLN A 4 5.79 17.98 -6.45
CA GLN A 4 5.85 17.96 -6.33
C GLN A 4 4.67 16.97 -6.84
C GLN A 4 4.69 17.01 -6.81
N LEU A 5 4.00 16.41 -5.84
CA LEU A 5 3.20 15.23 -6.05
C LEU A 5 1.73 15.55 -6.30
N SER A 6 1.14 14.80 -7.21
CA SER A 6 -0.30 14.83 -7.47
C SER A 6 -0.81 13.41 -7.42
N HIS A 7 -2.14 13.23 -7.47
CA HIS A 7 -2.72 11.89 -7.47
C HIS A 7 -3.94 11.83 -8.37
N ARG A 8 -4.25 10.64 -8.83
CA ARG A 8 -5.43 10.39 -9.64
C ARG A 8 -5.71 8.90 -9.57
N PRO A 9 -6.94 8.48 -9.92
CA PRO A 9 -7.17 7.04 -10.01
C PRO A 9 -6.22 6.40 -10.99
N ALA A 10 -5.85 5.16 -10.71
CA ALA A 10 -5.04 4.37 -11.62
C ALA A 10 -5.79 4.13 -12.91
N GLU A 11 -5.06 4.06 -14.00
CA GLU A 11 -5.58 3.83 -15.32
C GLU A 11 -4.91 2.63 -15.97
N THR A 12 -5.50 2.05 -17.03
CA THR A 12 -4.88 0.86 -17.65
C THR A 12 -3.48 1.17 -18.16
N GLY A 13 -3.28 2.39 -18.65
CA GLY A 13 -1.96 2.76 -19.14
C GLY A 13 -0.88 2.84 -18.07
N ASP A 14 -1.26 2.86 -16.79
CA ASP A 14 -0.30 2.88 -15.68
C ASP A 14 0.19 1.47 -15.34
N LEU A 15 -0.52 0.42 -15.77
CA LEU A 15 -0.28 -0.89 -15.25
C LEU A 15 1.12 -1.39 -15.46
N GLU A 16 1.68 -1.23 -16.66
CA GLU A 16 3.02 -1.80 -16.90
C GLU A 16 4.03 -1.11 -15.98
N THR A 17 3.94 0.19 -15.80
CA THR A 17 4.83 0.93 -14.90
C THR A 17 4.70 0.43 -13.50
N VAL A 18 3.49 0.36 -12.98
CA VAL A 18 3.29 -0.02 -11.59
C VAL A 18 3.71 -1.47 -11.37
N ALA A 19 3.40 -2.36 -12.31
CA ALA A 19 3.79 -3.77 -12.17
C ALA A 19 5.29 -3.93 -12.13
N GLY A 20 6.04 -2.95 -12.62
CA GLY A 20 7.46 -2.95 -12.54
C GLY A 20 8.07 -2.52 -11.24
N PHE A 21 7.26 -2.04 -10.28
CA PHE A 21 7.81 -1.50 -9.05
C PHE A 21 8.42 -2.53 -8.12
N PRO A 22 7.79 -3.72 -7.89
CA PRO A 22 8.45 -4.67 -6.98
C PRO A 22 9.67 -5.27 -7.66
N GLN A 23 10.79 -5.21 -6.97
CA GLN A 23 12.07 -5.55 -7.58
C GLN A 23 12.51 -6.97 -7.42
N ASP A 24 11.90 -7.72 -6.50
CA ASP A 24 12.22 -9.11 -6.28
C ASP A 24 11.04 -9.75 -5.61
N ARG A 25 11.12 -11.03 -5.39
CA ARG A 25 10.09 -11.83 -4.77
C ARG A 25 9.73 -11.35 -3.41
N ASP A 26 10.70 -10.90 -2.65
CA ASP A 26 10.42 -10.42 -1.30
C ASP A 26 9.58 -9.15 -1.36
N GLU A 27 9.99 -8.19 -2.19
CA GLU A 27 9.24 -6.96 -2.30
C GLU A 27 7.81 -7.21 -2.78
N LEU A 28 7.62 -8.15 -3.70
CA LEU A 28 6.28 -8.47 -4.17
C LEU A 28 5.50 -9.03 -3.00
N PHE A 29 6.08 -9.94 -2.25
CA PHE A 29 5.41 -10.56 -1.12
C PHE A 29 4.97 -9.47 -0.13
N TYR A 30 5.82 -8.50 0.16
CA TYR A 30 5.52 -7.52 1.18
C TYR A 30 4.40 -6.60 0.80
N CYS A 31 4.12 -6.42 -0.50
CA CYS A 31 3.01 -5.56 -0.91
C CYS A 31 1.83 -6.28 -1.51
N TYR A 32 1.96 -7.58 -1.78
CA TYR A 32 0.92 -8.36 -2.37
C TYR A 32 1.19 -9.82 -2.16
N PRO A 33 0.96 -10.31 -0.93
CA PRO A 33 1.44 -11.66 -0.60
C PRO A 33 0.76 -12.75 -1.36
N LYS A 34 -0.44 -12.54 -1.90
CA LYS A 34 -1.10 -13.53 -2.72
C LYS A 34 -0.56 -13.62 -4.15
N ALA A 35 0.15 -12.61 -4.60
CA ALA A 35 0.68 -12.65 -5.95
C ALA A 35 1.79 -13.69 -6.09
N ILE A 36 2.09 -14.01 -7.34
CA ILE A 36 3.15 -14.95 -7.63
CA ILE A 36 3.19 -14.93 -7.62
C ILE A 36 4.22 -14.25 -8.52
N TRP A 37 5.47 -14.43 -8.14
CA TRP A 37 6.57 -13.86 -8.88
C TRP A 37 6.79 -14.65 -10.16
N PRO A 38 6.97 -14.01 -11.32
CA PRO A 38 7.06 -12.56 -11.52
C PRO A 38 5.73 -11.89 -11.59
N PHE A 39 5.71 -10.66 -11.11
CA PHE A 39 4.50 -9.87 -11.17
C PHE A 39 4.21 -9.54 -12.64
N SER A 40 3.00 -9.15 -12.89
CA SER A 40 2.50 -8.88 -14.24
C SER A 40 1.34 -7.94 -14.25
N VAL A 41 1.11 -7.35 -15.38
CA VAL A 41 -0.04 -6.49 -15.55
C VAL A 41 -1.35 -7.20 -15.30
N ALA A 42 -1.46 -8.47 -15.70
CA ALA A 42 -2.69 -9.23 -15.52
C ALA A 42 -2.93 -9.43 -14.01
N GLN A 43 -1.91 -9.73 -13.23
CA GLN A 43 -2.11 -9.91 -11.79
C GLN A 43 -2.49 -8.59 -11.15
N LEU A 44 -1.87 -7.50 -11.56
CA LEU A 44 -2.19 -6.19 -11.01
C LEU A 44 -3.61 -5.80 -11.36
N ALA A 45 -4.04 -5.97 -12.62
CA ALA A 45 -5.38 -5.63 -13.00
C ALA A 45 -6.40 -6.48 -12.25
N ALA A 46 -6.10 -7.75 -11.99
CA ALA A 46 -7.02 -8.60 -11.25
C ALA A 46 -7.20 -8.09 -9.82
N ALA A 47 -6.10 -7.62 -9.20
CA ALA A 47 -6.18 -7.03 -7.85
C ALA A 47 -7.04 -5.80 -7.90
N ILE A 48 -6.77 -4.92 -8.86
CA ILE A 48 -7.55 -3.67 -8.98
C ILE A 48 -9.02 -3.98 -9.08
N ALA A 49 -9.40 -4.97 -9.90
CA ALA A 49 -10.79 -5.25 -10.14
C ALA A 49 -11.46 -5.70 -8.89
N GLU A 50 -10.80 -6.41 -7.99
CA GLU A 50 -11.45 -6.89 -6.80
C GLU A 50 -11.26 -6.03 -5.58
N ARG A 51 -10.60 -4.90 -5.72
CA ARG A 51 -10.32 -3.94 -4.64
C ARG A 51 -11.01 -2.60 -4.89
N ARG A 52 -10.72 -1.60 -4.07
CA ARG A 52 -11.25 -0.29 -4.23
C ARG A 52 -10.19 0.76 -4.13
N GLY A 53 -10.42 1.90 -4.76
CA GLY A 53 -9.62 3.09 -4.53
C GLY A 53 -8.21 3.01 -5.05
N SER A 54 -7.97 2.32 -6.16
CA SER A 54 -6.65 2.19 -6.72
C SER A 54 -6.22 3.55 -7.25
N THR A 55 -5.09 4.06 -6.72
CA THR A 55 -4.65 5.44 -6.85
C THR A 55 -3.15 5.46 -7.19
N VAL A 56 -2.75 6.34 -8.11
CA VAL A 56 -1.37 6.59 -8.36
C VAL A 56 -0.95 7.97 -7.88
N ALA A 57 0.29 8.07 -7.50
CA ALA A 57 0.97 9.32 -7.23
C ALA A 57 1.92 9.62 -8.36
N VAL A 58 1.89 10.88 -8.80
CA VAL A 58 2.61 11.37 -9.96
C VAL A 58 3.53 12.54 -9.59
N HIS A 59 4.74 12.54 -10.09
CA HIS A 59 5.67 13.69 -9.90
C HIS A 59 6.45 13.83 -11.18
N ASP A 60 6.54 15.05 -11.66
CA ASP A 60 7.29 15.36 -12.87
C ASP A 60 6.94 14.43 -14.02
N GLY A 61 5.64 14.21 -14.17
CA GLY A 61 5.15 13.43 -15.31
C GLY A 61 5.37 11.96 -15.16
N GLN A 62 5.84 11.51 -14.05
CA GLN A 62 6.03 10.02 -13.79
CA GLN A 62 6.03 10.02 -13.92
C GLN A 62 5.12 9.38 -12.65
N VAL A 63 4.57 8.20 -12.93
CA VAL A 63 3.86 7.50 -11.90
C VAL A 63 4.92 6.94 -10.97
N LEU A 64 4.90 7.34 -9.71
CA LEU A 64 5.94 6.94 -8.75
C LEU A 64 5.41 6.07 -7.63
N GLY A 65 4.10 6.01 -7.47
CA GLY A 65 3.53 5.20 -6.39
C GLY A 65 2.12 4.76 -6.71
N PHE A 66 1.70 3.71 -6.03
CA PHE A 66 0.39 3.09 -6.18
C PHE A 66 -0.07 2.57 -4.83
N ALA A 67 -1.38 2.63 -4.58
CA ALA A 67 -2.00 1.99 -3.42
C ALA A 67 -3.47 1.75 -3.70
N ASN A 68 -4.08 0.91 -2.86
CA ASN A 68 -5.51 0.68 -2.94
C ASN A 68 -5.99 0.19 -1.56
N PHE A 69 -7.30 -0.11 -1.47
CA PHE A 69 -7.87 -0.69 -0.29
C PHE A 69 -8.17 -2.15 -0.57
N TYR A 70 -7.74 -3.06 0.30
CA TYR A 70 -8.23 -4.45 0.15
C TYR A 70 -9.35 -4.82 1.11
N GLN A 71 -9.66 -3.93 2.07
CA GLN A 71 -10.90 -4.04 2.80
C GLN A 71 -11.49 -2.66 2.96
N TRP A 72 -12.82 -2.59 2.99
CA TRP A 72 -13.51 -1.34 3.10
C TRP A 72 -14.86 -1.65 3.76
N GLN A 73 -15.17 -0.91 4.81
CA GLN A 73 -16.40 -1.16 5.61
C GLN A 73 -16.92 0.19 6.00
N HIS A 74 -18.01 0.58 5.34
CA HIS A 74 -18.56 1.89 5.53
C HIS A 74 -18.85 2.21 7.00
N GLY A 75 -18.44 3.40 7.42
CA GLY A 75 -18.66 3.85 8.82
C GLY A 75 -17.67 3.25 9.79
N ASP A 76 -16.72 2.41 9.30
CA ASP A 76 -15.93 1.57 10.16
C ASP A 76 -14.45 1.77 9.85
N PHE A 77 -13.92 1.10 8.85
CA PHE A 77 -12.51 1.17 8.56
C PHE A 77 -12.26 0.85 7.12
N CYS A 78 -11.04 1.17 6.66
CA CYS A 78 -10.50 0.60 5.43
C CYS A 78 -9.13 0.04 5.80
N ALA A 79 -8.70 -0.92 4.96
CA ALA A 79 -7.37 -1.51 5.06
C ALA A 79 -6.60 -1.23 3.80
N LEU A 80 -5.44 -0.60 3.98
N LEU A 80 -5.44 -0.61 3.98
CA LEU A 80 -4.56 -0.19 2.88
CA LEU A 80 -4.57 -0.20 2.88
C LEU A 80 -3.79 -1.37 2.38
C LEU A 80 -3.78 -1.37 2.38
N GLY A 81 -3.68 -1.49 1.06
CA GLY A 81 -2.96 -2.54 0.41
C GLY A 81 -2.18 -2.11 -0.81
N ASN A 82 -1.38 -3.05 -1.31
CA ASN A 82 -0.67 -2.93 -2.54
C ASN A 82 0.16 -1.65 -2.62
N MET A 83 0.73 -1.22 -1.51
CA MET A 83 1.56 -0.01 -1.48
CA MET A 83 1.56 -0.01 -1.50
CA MET A 83 1.55 -0.01 -1.53
C MET A 83 2.92 -0.24 -2.18
N MET A 84 3.10 0.42 -3.32
CA MET A 84 4.25 0.21 -4.15
C MET A 84 4.81 1.53 -4.60
N VAL A 85 6.14 1.63 -4.62
CA VAL A 85 6.84 2.85 -5.00
C VAL A 85 7.97 2.48 -5.96
N ALA A 86 8.13 3.30 -6.95
CA ALA A 86 9.22 3.20 -7.93
C ALA A 86 10.56 3.19 -7.19
N PRO A 87 11.49 2.26 -7.54
CA PRO A 87 12.79 2.22 -6.84
C PRO A 87 13.52 3.58 -6.70
N ALA A 88 13.56 4.34 -7.78
CA ALA A 88 14.35 5.57 -7.75
C ALA A 88 13.71 6.61 -6.85
N ALA A 89 12.44 6.42 -6.52
CA ALA A 89 11.67 7.39 -5.73
C ALA A 89 11.51 6.93 -4.32
N ARG A 90 12.23 5.90 -3.94
CA ARG A 90 12.06 5.44 -2.52
C ARG A 90 12.69 6.37 -1.49
N GLY A 91 12.08 6.52 -0.33
CA GLY A 91 12.64 7.41 0.67
C GLY A 91 12.34 8.91 0.49
N LEU A 92 11.60 9.26 -0.55
CA LEU A 92 11.33 10.65 -0.93
C LEU A 92 9.93 11.17 -0.61
N GLY A 93 9.20 10.42 0.18
CA GLY A 93 7.93 10.87 0.61
C GLY A 93 6.75 10.42 -0.22
N VAL A 94 6.95 9.56 -1.22
CA VAL A 94 5.85 9.13 -2.05
C VAL A 94 4.86 8.25 -1.27
N ALA A 95 5.33 7.27 -0.53
CA ALA A 95 4.43 6.45 0.29
C ALA A 95 3.74 7.25 1.34
N ARG A 96 4.50 8.12 1.97
CA ARG A 96 3.93 9.02 2.96
CA ARG A 96 3.91 9.01 2.96
C ARG A 96 2.69 9.93 2.43
N TYR A 97 2.98 10.45 1.23
CA TYR A 97 2.00 11.22 0.49
C TYR A 97 0.80 10.39 0.13
N LEU A 98 1.00 9.20 -0.44
N LEU A 98 0.99 9.21 -0.45
CA LEU A 98 -0.11 8.39 -0.81
CA LEU A 98 -0.12 8.37 -0.82
C LEU A 98 -0.93 7.92 0.39
C LEU A 98 -0.93 7.92 0.39
N ILE A 99 -0.27 7.59 1.48
CA ILE A 99 -1.03 7.19 2.66
C ILE A 99 -1.93 8.32 3.10
N GLY A 100 -1.47 9.55 3.07
CA GLY A 100 -2.33 10.69 3.43
C GLY A 100 -3.54 10.79 2.51
N VAL A 101 -3.30 10.60 1.22
CA VAL A 101 -4.37 10.67 0.23
C VAL A 101 -5.38 9.54 0.50
N MET A 102 -4.89 8.33 0.82
CA MET A 102 -5.78 7.22 1.04
C MET A 102 -6.56 7.37 2.36
N GLU A 103 -5.93 7.96 3.37
CA GLU A 103 -6.64 8.30 4.59
C GLU A 103 -7.83 9.25 4.31
N ASN A 104 -7.62 10.31 3.52
CA ASN A 104 -8.70 11.18 3.14
C ASN A 104 -9.75 10.47 2.34
N LEU A 105 -9.36 9.55 1.46
CA LEU A 105 -10.32 8.84 0.66
C LEU A 105 -11.16 7.89 1.59
N ALA A 106 -10.53 7.23 2.55
CA ALA A 106 -11.27 6.38 3.47
C ALA A 106 -12.29 7.19 4.24
N ARG A 107 -11.87 8.37 4.72
CA ARG A 107 -12.79 9.26 5.45
C ARG A 107 -13.94 9.67 4.59
N GLU A 108 -13.61 10.12 3.40
CA GLU A 108 -14.61 10.70 2.50
C GLU A 108 -15.52 9.69 1.84
N GLN A 109 -14.98 8.67 1.25
CA GLN A 109 -15.76 7.64 0.49
C GLN A 109 -16.47 6.60 1.39
N TYR A 110 -15.82 6.24 2.50
CA TYR A 110 -16.30 5.18 3.35
C TYR A 110 -16.67 5.65 4.72
N LYS A 111 -16.47 6.93 5.04
CA LYS A 111 -16.79 7.42 6.38
C LYS A 111 -16.06 6.59 7.46
N ALA A 112 -14.85 6.19 7.12
CA ALA A 112 -14.07 5.37 7.98
C ALA A 112 -13.61 6.14 9.21
N ARG A 113 -13.58 5.45 10.35
CA ARG A 113 -13.03 5.99 11.59
C ARG A 113 -11.62 5.53 11.89
N LEU A 114 -11.18 4.53 11.14
CA LEU A 114 -9.92 3.87 11.37
C LEU A 114 -9.33 3.45 10.04
N MET A 115 -8.01 3.53 9.95
CA MET A 115 -7.29 2.86 8.86
C MET A 115 -6.48 1.72 9.45
N LYS A 116 -6.56 0.58 8.80
CA LYS A 116 -5.72 -0.55 9.12
C LYS A 116 -4.57 -0.68 8.09
N ILE A 117 -3.35 -0.98 8.57
CA ILE A 117 -2.21 -1.31 7.69
C ILE A 117 -1.58 -2.54 8.30
N SER A 118 -1.38 -3.54 7.49
CA SER A 118 -0.67 -4.72 7.84
C SER A 118 0.73 -4.69 7.16
N CYS A 119 1.77 -4.99 7.93
CA CYS A 119 3.14 -4.92 7.43
C CYS A 119 3.91 -6.16 7.84
N PHE A 120 4.54 -6.79 6.87
CA PHE A 120 5.37 -7.96 7.17
C PHE A 120 6.61 -7.57 7.95
N ASN A 121 7.03 -8.49 8.82
CA ASN A 121 8.08 -8.17 9.77
C ASN A 121 9.37 -7.75 9.09
N ALA A 122 9.70 -8.29 7.92
CA ALA A 122 10.98 -7.99 7.28
C ALA A 122 11.02 -6.57 6.73
N ASN A 123 9.86 -5.95 6.57
CA ASN A 123 9.75 -4.66 5.95
C ASN A 123 9.96 -3.55 6.98
N ALA A 124 11.20 -3.39 7.45
CA ALA A 124 11.51 -2.38 8.45
C ALA A 124 11.14 -1.01 8.02
N ALA A 125 11.38 -0.67 6.76
CA ALA A 125 11.14 0.67 6.28
C ALA A 125 9.66 0.98 6.40
N GLY A 126 8.82 0.01 6.08
CA GLY A 126 7.36 0.21 6.24
C GLY A 126 6.97 0.38 7.68
N LEU A 127 7.47 -0.49 8.55
CA LEU A 127 7.12 -0.38 9.97
C LEU A 127 7.47 0.96 10.53
N LEU A 128 8.65 1.49 10.17
CA LEU A 128 9.12 2.77 10.67
C LEU A 128 8.28 3.92 10.09
N LEU A 129 7.95 3.87 8.81
CA LEU A 129 7.14 4.92 8.22
C LEU A 129 5.75 4.93 8.81
N TYR A 130 5.10 3.78 8.96
CA TYR A 130 3.77 3.77 9.51
C TYR A 130 3.76 4.27 10.93
N THR A 131 4.81 3.97 11.70
CA THR A 131 4.98 4.53 13.02
C THR A 131 5.12 6.04 13.02
N GLN A 132 5.91 6.58 12.10
CA GLN A 132 6.03 8.03 11.97
C GLN A 132 4.67 8.66 11.66
N LEU A 133 3.82 7.98 10.90
CA LEU A 133 2.52 8.49 10.54
C LEU A 133 1.43 8.25 11.56
N GLY A 134 1.77 7.71 12.72
CA GLY A 134 0.82 7.60 13.83
C GLY A 134 0.11 6.27 13.95
N TYR A 135 0.52 5.27 13.15
CA TYR A 135 -0.04 3.95 13.23
C TYR A 135 0.58 3.25 14.46
N GLN A 136 -0.24 2.40 15.08
N GLN A 136 -0.23 2.44 15.16
CA GLN A 136 0.14 1.67 16.28
CA GLN A 136 0.23 1.70 16.33
C GLN A 136 -0.01 0.19 16.07
C GLN A 136 -0.01 0.23 16.14
N PRO A 137 0.95 -0.59 16.59
CA PRO A 137 0.76 -2.02 16.43
C PRO A 137 -0.33 -2.54 17.34
N ARG A 138 -1.15 -3.40 16.80
CA ARG A 138 -2.25 -3.98 17.56
C ARG A 138 -2.13 -5.46 17.77
N ALA A 139 -1.67 -6.20 16.77
CA ALA A 139 -1.54 -7.65 16.89
C ALA A 139 -0.51 -8.14 15.90
N ILE A 140 -0.07 -9.36 16.10
CA ILE A 140 0.88 -10.07 15.23
C ILE A 140 0.24 -11.38 14.82
N ALA A 141 0.16 -11.60 13.50
CA ALA A 141 -0.42 -12.78 12.94
C ALA A 141 0.65 -13.59 12.21
N GLU A 142 0.47 -14.90 12.17
CA GLU A 142 1.37 -15.76 11.46
C GLU A 142 0.99 -15.84 9.99
N ARG A 143 1.97 -15.77 9.10
CA ARG A 143 1.80 -16.00 7.67
C ARG A 143 2.96 -16.89 7.22
N HIS A 144 2.89 -17.35 6.00
CA HIS A 144 3.95 -18.11 5.38
C HIS A 144 4.34 -17.44 4.08
N ASP A 145 5.64 -17.37 3.88
CA ASP A 145 6.19 -16.77 2.68
C ASP A 145 6.22 -17.81 1.55
N PRO A 146 6.69 -17.42 0.37
CA PRO A 146 6.63 -18.35 -0.75
C PRO A 146 7.47 -19.61 -0.61
N ASP A 147 8.43 -19.58 0.28
CA ASP A 147 9.23 -20.74 0.60
C ASP A 147 8.70 -21.57 1.76
N GLY A 148 7.47 -21.26 2.19
CA GLY A 148 6.90 -21.98 3.30
C GLY A 148 7.43 -21.61 4.66
N ARG A 149 8.20 -20.52 4.73
CA ARG A 149 8.80 -20.08 5.98
C ARG A 149 7.81 -19.19 6.73
N ARG A 150 7.73 -19.43 8.03
CA ARG A 150 6.86 -18.62 8.86
CA ARG A 150 6.87 -18.60 8.89
C ARG A 150 7.42 -17.12 9.11
N VAL A 151 6.47 -16.21 8.83
CA VAL A 151 6.74 -14.79 8.96
C VAL A 151 5.66 -14.19 9.87
N ALA A 152 5.90 -12.98 10.33
CA ALA A 152 5.01 -12.30 11.22
C ALA A 152 4.39 -11.09 10.51
N LEU A 153 3.08 -11.00 10.51
CA LEU A 153 2.37 -9.88 9.90
C LEU A 153 1.92 -8.97 11.06
N ILE A 154 2.50 -7.79 11.08
CA ILE A 154 2.24 -6.79 12.12
CA ILE A 154 2.21 -6.82 12.12
C ILE A 154 1.02 -5.98 11.67
N GLN A 155 -0.05 -6.13 12.44
CA GLN A 155 -1.35 -5.47 12.16
C GLN A 155 -1.39 -4.18 12.95
N MET A 156 -1.43 -3.05 12.25
CA MET A 156 -1.39 -1.72 12.82
C MET A 156 -2.69 -0.98 12.47
N ASP A 157 -2.96 0.08 13.23
CA ASP A 157 -4.10 0.92 12.88
C ASP A 157 -3.87 2.37 13.38
N LYS A 158 -4.81 3.22 12.96
CA LYS A 158 -4.74 4.64 13.27
C LYS A 158 -6.16 5.21 13.19
N PRO A 159 -6.56 6.01 14.19
CA PRO A 159 -7.86 6.67 14.08
C PRO A 159 -7.89 7.73 12.94
N LEU A 160 -9.01 7.85 12.21
N LEU A 160 -8.97 8.00 12.27
CA LEU A 160 -9.32 8.91 11.27
CA LEU A 160 -8.90 8.97 11.15
C LEU A 160 -10.59 9.63 11.84
C LEU A 160 -9.43 10.42 11.47
N GLU A 161 -10.39 10.85 12.30
N GLU A 161 -10.53 10.42 12.23
CA GLU A 161 -11.55 11.67 12.73
CA GLU A 161 -11.48 11.56 12.56
C GLU A 161 -12.16 12.45 11.54
C GLU A 161 -12.28 12.23 11.45
#